data_3APW
#
_entry.id   3APW
#
_cell.length_a   67.720
_cell.length_b   45.490
_cell.length_c   120.600
_cell.angle_alpha   90.00
_cell.angle_beta   91.69
_cell.angle_gamma   90.00
#
_symmetry.space_group_name_H-M   'C 1 2 1'
#
loop_
_entity.id
_entity.type
_entity.pdbx_description
1 polymer 'Alpha-1-acid glycoprotein 2'
2 non-polymer Disopyramide
3 water water
#
_entity_poly.entity_id   1
_entity_poly.type   'polypeptide(L)'
_entity_poly.pdbx_seq_one_letter_code
;MQIPLCANLVPVPITNATLDRITGKWFYIASAFRNEEYNKSVQEIQATFFYFTPNKTEDTIFLREYQTRQNQCFYNSSYL
NVQRENGTVSRYEGGREHVAHLLFLRDTKTLMFGSYLDDEKNWGLSFYADKPETTKEQLGEFYEALDCLRIPRSDVMYTD
WKKDKCEPLEKQHEKERKQEEGESHHHHHH
;
_entity_poly.pdbx_strand_id   A,B
#
loop_
_chem_comp.id
_chem_comp.type
_chem_comp.name
_chem_comp.formula
DP0 non-polymer Disopyramide 'C21 H29 N3 O'
#
# COMPACT_ATOMS: atom_id res chain seq x y z
N ILE A 3 17.88 9.03 35.49
CA ILE A 3 17.81 8.85 34.01
C ILE A 3 16.94 9.93 33.38
N PRO A 4 17.54 10.81 32.56
CA PRO A 4 16.82 11.95 32.02
C PRO A 4 15.68 11.54 31.09
N LEU A 5 14.69 12.42 30.98
CA LEU A 5 13.42 12.14 30.32
C LEU A 5 13.63 11.81 28.84
N CYS A 6 14.41 12.62 28.16
CA CYS A 6 14.64 12.46 26.73
C CYS A 6 15.54 11.26 26.31
N ALA A 7 16.20 10.57 27.25
CA ALA A 7 17.22 9.57 26.85
C ALA A 7 16.74 8.56 25.79
N ASN A 8 15.52 8.06 25.93
CA ASN A 8 15.06 7.03 24.98
C ASN A 8 14.46 7.60 23.68
N LEU A 9 14.53 8.94 23.54
CA LEU A 9 14.18 9.61 22.29
C LEU A 9 15.38 9.92 21.37
N VAL A 10 16.56 9.46 21.76
CA VAL A 10 17.77 9.59 20.94
C VAL A 10 17.86 8.42 19.97
N PRO A 11 18.08 8.69 18.67
CA PRO A 11 18.27 7.58 17.73
C PRO A 11 19.22 6.50 18.24
N VAL A 12 18.89 5.25 17.94
CA VAL A 12 19.74 4.13 18.26
C VAL A 12 19.94 3.26 17.02
N PRO A 13 21.21 2.93 16.72
CA PRO A 13 21.49 2.14 15.53
C PRO A 13 20.81 0.80 15.65
N ILE A 14 20.37 0.24 14.52
CA ILE A 14 19.65 -1.02 14.48
C ILE A 14 20.64 -2.12 14.13
N THR A 15 20.72 -3.14 14.97
CA THR A 15 21.57 -4.29 14.71
C THR A 15 20.64 -5.43 14.37
N ASN A 16 21.24 -6.57 14.04
CA ASN A 16 20.56 -7.85 13.87
C ASN A 16 19.74 -8.22 15.11
N ALA A 17 20.33 -7.98 16.28
CA ALA A 17 19.65 -8.13 17.57
C ALA A 17 18.39 -7.25 17.68
N THR A 18 18.47 -6.01 17.21
CA THR A 18 17.28 -5.12 17.19
C THR A 18 16.22 -5.73 16.28
N LEU A 19 16.65 -6.30 15.15
CA LEU A 19 15.71 -6.86 14.16
C LEU A 19 15.00 -8.11 14.71
N ASP A 20 15.76 -8.98 15.37
CA ASP A 20 15.19 -10.09 16.15
C ASP A 20 14.16 -9.61 17.18
N ARG A 21 14.54 -8.64 18.01
CA ARG A 21 13.62 -8.08 19.01
C ARG A 21 12.27 -7.57 18.42
N ILE A 22 12.29 -6.92 17.27
CA ILE A 22 11.04 -6.43 16.66
C ILE A 22 10.25 -7.46 15.81
N THR A 23 10.83 -8.64 15.58
CA THR A 23 10.20 -9.66 14.74
C THR A 23 8.91 -10.10 15.41
N GLY A 24 7.83 -10.24 14.63
CA GLY A 24 6.57 -10.78 15.14
C GLY A 24 5.37 -9.84 15.01
N LYS A 25 4.35 -10.15 15.82
CA LYS A 25 3.07 -9.45 15.83
C LYS A 25 3.14 -8.32 16.87
N TRP A 26 2.67 -7.13 16.44
CA TRP A 26 2.52 -5.95 17.29
C TRP A 26 1.12 -5.37 17.13
N PHE A 27 0.65 -4.70 18.17
CA PHE A 27 -0.65 -4.03 18.14
C PHE A 27 -0.44 -2.53 18.29
N TYR A 28 -1.14 -1.76 17.48
CA TYR A 28 -1.08 -0.32 17.55
C TYR A 28 -1.91 0.14 18.73
N ILE A 29 -1.25 0.80 19.67
CA ILE A 29 -1.90 1.26 20.91
C ILE A 29 -2.38 2.70 20.82
N ALA A 30 -1.47 3.60 20.42
CA ALA A 30 -1.74 5.03 20.48
C ALA A 30 -0.65 5.83 19.79
N SER A 31 -1.00 7.07 19.46
CA SER A 31 -0.04 8.01 18.89
C SER A 31 -0.46 9.45 19.20
N ALA A 32 0.49 10.35 19.06
CA ALA A 32 0.23 11.80 19.06
C ALA A 32 1.32 12.46 18.22
N PHE A 33 0.94 13.48 17.44
CA PHE A 33 1.89 14.21 16.59
C PHE A 33 1.58 15.70 16.66
N ARG A 34 2.56 16.53 16.34
CA ARG A 34 2.30 17.94 16.02
C ARG A 34 2.09 18.15 14.52
N ASN A 35 2.45 17.15 13.73
CA ASN A 35 2.23 17.16 12.28
C ASN A 35 0.76 16.91 11.92
N GLU A 36 0.12 17.89 11.29
CA GLU A 36 -1.33 17.80 10.99
C GLU A 36 -1.74 16.66 10.05
N GLU A 37 -0.98 16.48 8.97
CA GLU A 37 -1.14 15.34 8.09
C GLU A 37 -1.19 14.00 8.86
N TYR A 38 -0.25 13.76 9.77
CA TYR A 38 -0.28 12.52 10.58
C TYR A 38 -1.50 12.47 11.50
N ASN A 39 -1.78 13.57 12.19
CA ASN A 39 -2.99 13.62 13.03
C ASN A 39 -4.25 13.27 12.25
N LYS A 40 -4.39 13.84 11.06
CA LYS A 40 -5.50 13.57 10.14
C LYS A 40 -5.60 12.08 9.76
N SER A 41 -4.51 11.51 9.26
CA SER A 41 -4.52 10.11 8.83
C SER A 41 -4.89 9.18 9.99
N VAL A 42 -4.29 9.45 11.15
CA VAL A 42 -4.44 8.59 12.32
C VAL A 42 -5.79 8.69 13.02
N GLN A 43 -6.38 9.89 13.00
CA GLN A 43 -7.71 10.14 13.57
C GLN A 43 -8.72 9.04 13.31
N GLU A 44 -8.69 8.51 12.11
CA GLU A 44 -9.69 7.59 11.61
C GLU A 44 -9.41 6.10 11.90
N ILE A 45 -8.18 5.80 12.33
CA ILE A 45 -7.78 4.42 12.67
C ILE A 45 -8.44 3.98 13.97
N GLN A 46 -9.26 2.93 13.91
CA GLN A 46 -9.89 2.38 15.11
C GLN A 46 -9.09 1.27 15.75
N ALA A 47 -8.44 0.47 14.93
CA ALA A 47 -7.57 -0.59 15.41
C ALA A 47 -6.56 -0.91 14.33
N THR A 48 -5.43 -1.49 14.72
CA THR A 48 -4.43 -1.98 13.78
C THR A 48 -3.56 -2.97 14.50
N PHE A 49 -3.31 -4.09 13.84
CA PHE A 49 -2.21 -4.96 14.23
C PHE A 49 -1.37 -5.29 13.01
N PHE A 50 -0.13 -5.68 13.22
CA PHE A 50 0.80 -5.96 12.11
C PHE A 50 1.86 -7.00 12.44
N TYR A 51 2.47 -7.58 11.39
CA TYR A 51 3.62 -8.48 11.52
C TYR A 51 4.88 -7.90 10.88
N PHE A 52 6.02 -7.99 11.58
CA PHE A 52 7.32 -7.65 11.02
C PHE A 52 8.05 -8.97 10.74
N THR A 53 8.55 -9.16 9.52
CA THR A 53 9.49 -10.24 9.21
C THR A 53 10.72 -9.61 8.57
N PRO A 54 11.78 -9.38 9.39
CA PRO A 54 12.98 -8.78 8.86
C PRO A 54 13.72 -9.72 7.89
N ASN A 55 14.43 -9.14 6.93
CA ASN A 55 15.36 -9.83 6.09
C ASN A 55 16.67 -9.12 6.36
N LYS A 56 17.42 -9.66 7.31
CA LYS A 56 18.63 -9.04 7.83
C LYS A 56 19.68 -8.76 6.78
N THR A 57 19.77 -9.62 5.77
CA THR A 57 20.77 -9.42 4.74
C THR A 57 20.39 -8.32 3.73
N GLU A 58 19.09 -8.04 3.56
CA GLU A 58 18.70 -7.00 2.59
C GLU A 58 18.35 -5.69 3.28
N ASP A 59 18.45 -5.65 4.60
CA ASP A 59 18.00 -4.46 5.36
C ASP A 59 16.60 -4.04 4.96
N THR A 60 15.70 -5.02 4.91
CA THR A 60 14.28 -4.76 4.70
C THR A 60 13.48 -5.51 5.76
N ILE A 61 12.24 -5.09 5.95
CA ILE A 61 11.33 -5.78 6.84
C ILE A 61 10.02 -5.96 6.09
N PHE A 62 9.59 -7.20 5.96
CA PHE A 62 8.31 -7.48 5.36
C PHE A 62 7.22 -7.13 6.35
N LEU A 63 6.27 -6.31 5.90
CA LEU A 63 5.20 -5.83 6.78
C LEU A 63 3.84 -6.31 6.28
N ARG A 64 3.09 -6.99 7.14
CA ARG A 64 1.69 -7.33 6.86
C ARG A 64 0.84 -6.55 7.85
N GLU A 65 -0.06 -5.72 7.35
CA GLU A 65 -0.76 -4.75 8.19
C GLU A 65 -2.28 -4.88 8.12
N TYR A 66 -2.90 -4.97 9.30
CA TYR A 66 -4.32 -5.16 9.42
C TYR A 66 -4.95 -3.94 10.11
N GLN A 67 -5.50 -3.06 9.31
CA GLN A 67 -6.02 -1.78 9.80
C GLN A 67 -7.56 -1.75 9.77
N THR A 68 -8.16 -1.31 10.86
CA THR A 68 -9.59 -1.07 10.91
C THR A 68 -9.88 0.44 10.83
N ARG A 69 -10.59 0.84 9.79
CA ARG A 69 -11.10 2.21 9.63
C ARG A 69 -12.55 2.13 9.14
N GLN A 70 -13.43 2.94 9.74
CA GLN A 70 -14.88 2.92 9.43
C GLN A 70 -15.48 1.52 9.49
N ASN A 71 -15.19 0.81 10.57
CA ASN A 71 -15.68 -0.56 10.80
C ASN A 71 -15.49 -1.55 9.64
N GLN A 72 -14.33 -1.49 8.99
CA GLN A 72 -13.91 -2.51 8.03
C GLN A 72 -12.40 -2.71 7.95
N CYS A 73 -12.01 -3.86 7.40
CA CYS A 73 -10.64 -4.34 7.44
C CYS A 73 -9.91 -4.07 6.12
N PHE A 74 -8.84 -3.27 6.23
CA PHE A 74 -7.93 -2.99 5.13
C PHE A 74 -6.60 -3.68 5.41
N TYR A 75 -6.25 -4.60 4.54
CA TYR A 75 -4.99 -5.30 4.63
C TYR A 75 -4.05 -4.82 3.54
N ASN A 76 -2.80 -4.65 3.92
CA ASN A 76 -1.71 -4.26 3.04
C ASN A 76 -0.45 -5.00 3.43
N SER A 77 0.28 -5.47 2.44
CA SER A 77 1.64 -5.91 2.69
C SER A 77 2.59 -5.10 1.81
N SER A 78 3.81 -4.94 2.29
CA SER A 78 4.79 -4.10 1.65
C SER A 78 6.07 -4.40 2.39
N TYR A 79 7.18 -3.82 1.90
CA TYR A 79 8.48 -3.91 2.53
C TYR A 79 8.90 -2.54 3.07
N LEU A 80 9.42 -2.51 4.28
CA LEU A 80 10.11 -1.33 4.83
C LEU A 80 11.63 -1.46 4.55
N ASN A 81 12.33 -0.35 4.30
CA ASN A 81 13.80 -0.39 4.23
C ASN A 81 14.36 0.02 5.58
N VAL A 82 15.54 -0.51 5.93
CA VAL A 82 16.14 -0.26 7.24
C VAL A 82 17.40 0.57 7.00
N GLN A 83 17.51 1.70 7.69
CA GLN A 83 18.76 2.44 7.68
C GLN A 83 19.37 2.22 9.07
N ARG A 84 20.26 1.23 9.15
CA ARG A 84 20.77 0.71 10.41
C ARG A 84 21.45 1.76 11.26
N GLU A 85 22.31 2.54 10.61
CA GLU A 85 23.19 3.49 11.28
C GLU A 85 22.40 4.65 11.90
N ASN A 86 21.44 5.17 11.15
CA ASN A 86 20.52 6.24 11.62
C ASN A 86 19.46 5.77 12.61
N GLY A 87 19.23 4.46 12.65
CA GLY A 87 18.20 3.87 13.51
C GLY A 87 16.79 4.15 13.04
N THR A 88 16.59 4.11 11.72
CA THR A 88 15.28 4.44 11.14
C THR A 88 14.84 3.33 10.22
N VAL A 89 13.54 3.32 9.97
CA VAL A 89 12.90 2.44 9.03
C VAL A 89 12.14 3.35 8.06
N SER A 90 11.98 2.94 6.81
CA SER A 90 11.24 3.75 5.88
C SER A 90 10.23 2.96 5.08
N ARG A 91 9.21 3.66 4.61
CA ARG A 91 8.09 3.09 3.88
C ARG A 91 7.75 4.10 2.79
N TYR A 92 7.51 3.61 1.58
CA TYR A 92 7.05 4.46 0.50
C TYR A 92 5.51 4.44 0.51
N GLU A 93 4.87 5.61 0.65
CA GLU A 93 3.41 5.70 0.85
C GLU A 93 2.72 6.69 -0.06
N GLY A 94 2.90 6.55 -1.37
CA GLY A 94 2.26 7.42 -2.34
C GLY A 94 3.14 8.60 -2.74
N GLY A 95 4.12 8.33 -3.60
CA GLY A 95 5.01 9.37 -4.12
C GLY A 95 5.92 9.96 -3.06
N ARG A 96 5.88 9.40 -1.85
CA ARG A 96 6.68 9.89 -0.74
C ARG A 96 7.29 8.78 0.10
N GLU A 97 8.60 8.89 0.34
CA GLU A 97 9.28 8.07 1.31
C GLU A 97 9.02 8.65 2.71
N HIS A 98 8.56 7.80 3.63
CA HIS A 98 8.31 8.22 5.01
C HIS A 98 9.29 7.51 5.92
N VAL A 99 9.95 8.26 6.79
CA VAL A 99 11.01 7.75 7.63
C VAL A 99 10.56 7.84 9.09
N ALA A 100 10.89 6.84 9.90
CA ALA A 100 10.59 6.90 11.33
C ALA A 100 11.74 6.32 12.10
N HIS A 101 12.07 6.91 13.25
CA HIS A 101 13.06 6.35 14.17
C HIS A 101 12.43 5.23 15.00
N LEU A 102 13.10 4.10 15.05
CA LEU A 102 12.70 3.02 15.92
C LEU A 102 13.25 3.29 17.31
N LEU A 103 12.37 3.43 18.30
CA LEU A 103 12.80 3.75 19.67
C LEU A 103 12.22 2.78 20.69
N PHE A 104 12.88 2.69 21.84
CA PHE A 104 12.52 1.70 22.83
C PHE A 104 12.18 2.30 24.18
N LEU A 105 11.39 1.56 24.93
CA LEU A 105 11.00 1.94 26.27
C LEU A 105 11.57 0.85 27.16
N ARG A 106 11.54 1.06 28.47
CA ARG A 106 12.08 0.06 29.39
C ARG A 106 11.39 -1.27 29.16
N ASP A 107 10.08 -1.24 28.95
CA ASP A 107 9.31 -2.47 28.73
C ASP A 107 9.62 -3.05 27.36
N THR A 108 10.13 -4.26 27.39
CA THR A 108 10.61 -4.95 26.20
C THR A 108 9.47 -5.47 25.32
N LYS A 109 8.27 -5.47 25.87
CA LYS A 109 7.07 -5.88 25.14
C LYS A 109 6.39 -4.71 24.41
N THR A 110 7.07 -3.57 24.35
CA THR A 110 6.57 -2.42 23.60
C THR A 110 7.63 -1.90 22.62
N LEU A 111 7.19 -1.04 21.70
CA LEU A 111 8.13 -0.24 20.94
C LEU A 111 7.45 1.01 20.47
N MET A 112 8.26 2.00 20.05
CA MET A 112 7.67 3.18 19.50
C MET A 112 8.39 3.65 18.27
N PHE A 113 7.67 4.37 17.42
CA PHE A 113 8.29 4.95 16.23
C PHE A 113 8.18 6.47 16.36
N GLY A 114 9.28 7.18 16.17
CA GLY A 114 9.28 8.64 16.21
C GLY A 114 9.22 9.23 14.82
N SER A 115 8.32 10.18 14.59
CA SER A 115 8.20 10.84 13.29
C SER A 115 8.71 12.27 13.42
N TYR A 116 9.42 12.77 12.39
CA TYR A 116 9.94 14.15 12.35
C TYR A 116 10.58 14.59 13.66
N LEU A 117 11.42 13.73 14.23
CA LEU A 117 11.97 13.94 15.57
C LEU A 117 12.89 15.14 15.71
N ASP A 118 13.42 15.61 14.59
CA ASP A 118 14.36 16.73 14.54
C ASP A 118 13.62 18.06 14.40
N ASP A 119 12.29 17.99 14.25
CA ASP A 119 11.48 19.18 13.99
C ASP A 119 10.39 19.39 15.05
N GLU A 120 10.64 20.33 15.95
CA GLU A 120 9.76 20.67 17.06
C GLU A 120 8.35 21.11 16.64
N LYS A 121 8.17 21.49 15.38
CA LYS A 121 6.83 21.85 14.90
C LYS A 121 6.04 20.66 14.33
N ASN A 122 6.72 19.52 14.13
CA ASN A 122 6.08 18.37 13.48
C ASN A 122 6.20 17.02 14.17
N TRP A 123 7.05 16.90 15.18
CA TRP A 123 7.33 15.60 15.81
C TRP A 123 6.11 14.91 16.46
N GLY A 124 6.25 13.59 16.60
CA GLY A 124 5.19 12.75 17.18
C GLY A 124 5.73 11.35 17.42
N LEU A 125 4.92 10.51 18.07
CA LEU A 125 5.35 9.20 18.51
C LEU A 125 4.16 8.31 18.28
N SER A 126 4.42 7.07 17.88
CA SER A 126 3.37 6.07 17.76
C SER A 126 3.78 4.94 18.68
N PHE A 127 2.81 4.31 19.34
CA PHE A 127 3.10 3.39 20.43
C PHE A 127 2.48 2.03 20.13
N TYR A 128 3.29 0.98 20.29
CA TYR A 128 2.88 -0.38 19.98
C TYR A 128 3.24 -1.33 21.09
N ALA A 129 2.43 -2.38 21.26
CA ALA A 129 2.66 -3.42 22.29
C ALA A 129 2.43 -4.82 21.69
N ASP A 130 2.95 -5.85 22.35
CA ASP A 130 2.67 -7.21 21.89
C ASP A 130 1.27 -7.72 22.29
N LYS A 131 0.45 -6.87 22.91
CA LYS A 131 -0.95 -7.15 23.22
C LYS A 131 -1.77 -5.93 22.85
N PRO A 132 -3.06 -6.12 22.50
CA PRO A 132 -3.92 -4.99 22.18
C PRO A 132 -4.30 -4.16 23.40
N GLU A 133 -4.11 -4.72 24.58
CA GLU A 133 -4.32 -3.99 25.83
C GLU A 133 -2.95 -3.62 26.40
N THR A 134 -2.83 -2.43 26.96
CA THR A 134 -1.58 -2.12 27.68
C THR A 134 -1.82 -1.95 29.16
N THR A 135 -0.75 -2.15 29.93
CA THR A 135 -0.73 -1.93 31.36
C THR A 135 -0.48 -0.44 31.63
N LYS A 136 -0.74 0.00 32.85
CA LYS A 136 -0.52 1.38 33.23
C LYS A 136 0.96 1.75 33.25
N GLU A 137 1.83 0.76 33.45
CA GLU A 137 3.28 0.95 33.39
C GLU A 137 3.76 1.25 31.96
N GLN A 138 3.25 0.48 31.00
CA GLN A 138 3.58 0.68 29.60
C GLN A 138 3.12 2.04 29.13
N LEU A 139 1.88 2.41 29.52
CA LEU A 139 1.31 3.66 29.15
C LEU A 139 2.06 4.85 29.78
N GLY A 140 2.49 4.71 31.03
CA GLY A 140 3.26 5.78 31.68
C GLY A 140 4.58 6.04 30.94
N GLU A 141 5.23 4.96 30.45
CA GLU A 141 6.51 5.09 29.69
C GLU A 141 6.27 5.88 28.40
N PHE A 142 5.17 5.58 27.73
CA PHE A 142 4.77 6.33 26.55
C PHE A 142 4.49 7.80 26.87
N TYR A 143 3.68 8.06 27.91
CA TYR A 143 3.41 9.44 28.39
C TYR A 143 4.69 10.17 28.70
N GLU A 144 5.63 9.49 29.36
CA GLU A 144 6.93 10.13 29.64
C GLU A 144 7.61 10.53 28.35
N ALA A 145 7.47 9.71 27.30
CA ALA A 145 8.18 10.02 26.05
C ALA A 145 7.51 11.26 25.43
N LEU A 146 6.19 11.30 25.50
CA LEU A 146 5.42 12.46 25.05
C LEU A 146 5.76 13.70 25.86
N ASP A 147 5.80 13.55 27.18
CA ASP A 147 6.29 14.63 28.06
C ASP A 147 7.61 15.25 27.50
N CYS A 148 8.60 14.43 27.12
CA CYS A 148 9.86 14.95 26.51
C CYS A 148 9.68 15.82 25.27
N LEU A 149 8.66 15.51 24.46
CA LEU A 149 8.38 16.28 23.24
C LEU A 149 7.40 17.40 23.50
N ARG A 150 7.02 17.55 24.78
CA ARG A 150 6.06 18.57 25.23
C ARG A 150 4.75 18.45 24.47
N ILE A 151 4.35 17.21 24.25
CA ILE A 151 3.05 16.91 23.72
C ILE A 151 2.18 16.51 24.91
N PRO A 152 1.08 17.25 25.15
CA PRO A 152 0.26 16.87 26.29
C PRO A 152 -0.42 15.50 26.08
N ARG A 153 -0.59 14.77 27.17
CA ARG A 153 -1.30 13.49 27.17
C ARG A 153 -2.69 13.51 26.56
N SER A 154 -3.41 14.62 26.72
CA SER A 154 -4.74 14.82 26.13
C SER A 154 -4.77 14.86 24.60
N ASP A 155 -3.63 15.08 23.96
CA ASP A 155 -3.55 14.99 22.48
C ASP A 155 -3.40 13.57 21.98
N VAL A 156 -3.29 12.59 22.89
CA VAL A 156 -3.14 11.19 22.45
C VAL A 156 -4.41 10.61 21.83
N MET A 157 -4.23 9.92 20.71
CA MET A 157 -5.32 9.22 20.04
C MET A 157 -5.11 7.73 20.29
N TYR A 158 -6.15 7.05 20.71
CA TYR A 158 -6.01 5.64 21.07
C TYR A 158 -6.77 4.72 20.13
N THR A 159 -6.29 3.50 19.97
CA THR A 159 -7.13 2.47 19.37
C THR A 159 -8.10 1.90 20.39
N ASP A 160 -9.09 1.19 19.87
CA ASP A 160 -10.09 0.52 20.67
C ASP A 160 -10.11 -0.90 20.18
N TRP A 161 -9.49 -1.82 20.92
CA TRP A 161 -9.49 -3.22 20.50
C TRP A 161 -10.91 -3.82 20.33
N LYS A 162 -11.93 -3.24 20.96
CA LYS A 162 -13.32 -3.69 20.75
C LYS A 162 -13.70 -3.60 19.27
N LYS A 163 -13.14 -2.60 18.59
CA LYS A 163 -13.57 -2.21 17.25
C LYS A 163 -12.89 -3.00 16.13
N ASP A 164 -11.96 -3.88 16.49
CA ASP A 164 -11.15 -4.57 15.46
C ASP A 164 -12.01 -5.41 14.53
N LYS A 165 -11.87 -5.17 13.23
CA LYS A 165 -12.64 -5.88 12.22
C LYS A 165 -11.75 -6.80 11.38
N CYS A 166 -10.50 -6.97 11.82
CA CYS A 166 -9.46 -7.60 10.99
C CYS A 166 -9.07 -9.05 11.32
N GLU A 167 -9.30 -9.48 12.55
CA GLU A 167 -9.01 -10.87 12.92
C GLU A 167 -9.73 -11.92 12.06
N PRO A 168 -10.95 -11.64 11.58
CA PRO A 168 -11.56 -12.60 10.64
C PRO A 168 -10.80 -12.70 9.31
N LEU A 169 -10.10 -11.63 8.93
CA LEU A 169 -9.26 -11.68 7.73
C LEU A 169 -7.91 -12.36 8.01
N GLU A 170 -7.33 -12.10 9.18
CA GLU A 170 -6.03 -12.67 9.59
C GLU A 170 -6.11 -14.19 9.68
N LYS A 171 -7.20 -14.67 10.27
CA LYS A 171 -7.45 -16.09 10.39
C LYS A 171 -7.72 -16.72 9.02
N GLN A 172 -8.42 -15.99 8.15
CA GLN A 172 -8.65 -16.49 6.79
C GLN A 172 -7.34 -16.58 6.00
N HIS A 173 -6.40 -15.69 6.31
CA HIS A 173 -5.05 -15.73 5.70
C HIS A 173 -4.15 -16.86 6.21
N GLU A 174 -4.42 -17.33 7.43
CA GLU A 174 -3.61 -18.34 8.10
C GLU A 174 -3.76 -19.71 7.41
N LYS A 175 -4.98 -19.97 6.94
CA LYS A 175 -5.35 -21.18 6.21
C LYS A 175 -4.46 -21.40 4.98
N GLU A 176 -4.36 -20.37 4.13
CA GLU A 176 -3.60 -20.43 2.88
C GLU A 176 -2.08 -20.56 3.09
N ARG A 177 -1.52 -19.76 4.00
CA ARG A 177 -0.08 -19.72 4.25
C ARG A 177 0.45 -20.95 5.01
N ILE B 3 -20.67 0.56 -35.27
CA ILE B 3 -19.39 0.18 -34.59
C ILE B 3 -18.74 1.35 -33.84
N PRO B 4 -19.54 2.32 -33.34
CA PRO B 4 -18.96 3.56 -32.82
C PRO B 4 -17.76 3.29 -31.93
N LEU B 5 -16.61 3.87 -32.29
CA LEU B 5 -15.32 3.60 -31.65
C LEU B 5 -15.25 4.08 -30.19
N CYS B 6 -16.27 3.71 -29.42
CA CYS B 6 -16.44 4.08 -28.02
C CYS B 6 -17.22 3.00 -27.28
N ALA B 7 -17.75 2.04 -28.04
CA ALA B 7 -18.57 0.96 -27.50
C ALA B 7 -17.89 0.18 -26.36
N ASN B 8 -16.63 -0.19 -26.58
CA ASN B 8 -15.84 -0.91 -25.58
C ASN B 8 -15.42 -0.06 -24.35
N LEU B 9 -15.94 1.17 -24.28
CA LEU B 9 -15.74 2.05 -23.13
C LEU B 9 -16.97 2.12 -22.21
N VAL B 10 -18.03 1.44 -22.60
CA VAL B 10 -19.26 1.39 -21.81
C VAL B 10 -19.08 0.44 -20.62
N PRO B 11 -19.38 0.93 -19.39
CA PRO B 11 -19.25 0.07 -18.21
C PRO B 11 -19.85 -1.30 -18.48
N VAL B 12 -19.04 -2.33 -18.25
CA VAL B 12 -19.41 -3.71 -18.53
C VAL B 12 -19.51 -4.49 -17.22
N PRO B 13 -20.60 -5.26 -17.04
CA PRO B 13 -20.79 -6.03 -15.82
C PRO B 13 -19.55 -6.85 -15.42
N ILE B 14 -19.44 -7.13 -14.13
CA ILE B 14 -18.41 -8.03 -13.64
C ILE B 14 -19.09 -9.25 -13.03
N THR B 15 -18.99 -10.38 -13.74
CA THR B 15 -19.54 -11.66 -13.29
C THR B 15 -18.40 -12.55 -12.81
N ASN B 16 -18.72 -13.79 -12.43
CA ASN B 16 -17.71 -14.77 -12.04
C ASN B 16 -16.74 -15.11 -13.18
N ALA B 17 -17.29 -15.06 -14.42
CA ALA B 17 -16.51 -15.31 -15.61
C ALA B 17 -15.54 -14.18 -15.90
N THR B 18 -16.02 -12.94 -15.75
CA THR B 18 -15.19 -11.72 -15.86
C THR B 18 -14.00 -11.79 -14.89
N LEU B 19 -14.25 -12.32 -13.68
CA LEU B 19 -13.22 -12.42 -12.64
C LEU B 19 -12.29 -13.59 -12.91
N ASP B 20 -12.85 -14.67 -13.49
CA ASP B 20 -12.07 -15.85 -13.93
C ASP B 20 -11.05 -15.45 -15.04
N ARG B 21 -11.62 -14.52 -15.97
CA ARG B 21 -10.84 -14.06 -17.11
C ARG B 21 -9.64 -13.20 -16.66
N ILE B 22 -9.88 -12.39 -15.61
CA ILE B 22 -8.86 -11.44 -15.15
C ILE B 22 -7.96 -12.02 -14.05
N THR B 23 -8.36 -13.20 -13.51
CA THR B 23 -7.55 -13.91 -12.53
C THR B 23 -6.20 -14.22 -13.18
N GLY B 24 -5.13 -14.16 -12.38
CA GLY B 24 -3.79 -14.46 -12.86
C GLY B 24 -2.94 -13.22 -13.17
N LYS B 25 -1.86 -13.45 -13.93
CA LYS B 25 -0.79 -12.48 -14.08
C LYS B 25 -1.05 -11.50 -15.24
N TRP B 26 -0.78 -10.20 -14.99
CA TRP B 26 -0.90 -9.18 -16.04
C TRP B 26 0.32 -8.28 -16.03
N PHE B 27 0.65 -7.72 -17.20
CA PHE B 27 1.77 -6.78 -17.33
C PHE B 27 1.26 -5.39 -17.72
N TYR B 28 1.77 -4.36 -17.04
CA TYR B 28 1.45 -2.97 -17.38
C TYR B 28 2.15 -2.54 -18.67
N ILE B 29 1.37 -2.17 -19.69
CA ILE B 29 1.93 -1.82 -21.00
C ILE B 29 2.01 -0.31 -21.24
N ALA B 30 0.87 0.37 -21.16
CA ALA B 30 0.83 1.79 -21.43
C ALA B 30 -0.32 2.48 -20.73
N SER B 31 -0.18 3.79 -20.51
CA SER B 31 -1.27 4.62 -20.00
C SER B 31 -1.22 6.07 -20.50
N ALA B 32 -2.35 6.77 -20.36
CA ALA B 32 -2.45 8.19 -20.70
C ALA B 32 -3.64 8.78 -19.95
N PHE B 33 -3.47 9.99 -19.42
CA PHE B 33 -4.52 10.60 -18.60
C PHE B 33 -4.66 12.09 -18.88
N ARG B 34 -5.88 12.61 -18.78
CA ARG B 34 -6.09 14.06 -18.73
C ARG B 34 -5.98 14.58 -17.30
N ASN B 35 -6.10 13.66 -16.34
CA ASN B 35 -5.85 13.93 -14.92
C ASN B 35 -4.36 14.13 -14.69
N GLU B 36 -3.99 15.26 -14.08
CA GLU B 36 -2.58 15.63 -13.92
C GLU B 36 -1.85 14.85 -12.82
N GLU B 37 -2.55 14.53 -11.73
CA GLU B 37 -1.97 13.78 -10.61
C GLU B 37 -1.56 12.38 -11.03
N TYR B 38 -2.52 11.66 -11.63
CA TYR B 38 -2.25 10.36 -12.26
C TYR B 38 -1.16 10.45 -13.34
N ASN B 39 -1.05 11.61 -13.99
CA ASN B 39 -0.05 11.79 -15.04
C ASN B 39 1.37 11.91 -14.47
N LYS B 40 1.52 12.74 -13.44
CA LYS B 40 2.79 12.90 -12.73
C LYS B 40 3.25 11.60 -12.05
N SER B 41 2.32 10.88 -11.43
CA SER B 41 2.68 9.71 -10.63
C SER B 41 2.96 8.44 -11.46
N VAL B 42 2.55 8.44 -12.72
CA VAL B 42 2.81 7.29 -13.60
C VAL B 42 4.09 7.51 -14.42
N GLN B 43 4.55 8.76 -14.47
CA GLN B 43 5.77 9.12 -15.18
C GLN B 43 6.97 8.23 -14.82
N GLU B 44 7.18 8.00 -13.52
CA GLU B 44 8.34 7.23 -13.04
C GLU B 44 8.21 5.70 -13.10
N ILE B 45 6.99 5.19 -13.31
CA ILE B 45 6.76 3.73 -13.38
C ILE B 45 7.45 3.15 -14.61
N GLN B 46 8.56 2.45 -14.37
CA GLN B 46 9.35 1.84 -15.43
C GLN B 46 8.71 0.55 -15.95
N ALA B 47 8.23 -0.27 -15.02
CA ALA B 47 7.58 -1.55 -15.32
C ALA B 47 6.63 -1.93 -14.19
N THR B 48 5.64 -2.77 -14.49
CA THR B 48 4.78 -3.38 -13.46
C THR B 48 4.19 -4.69 -13.96
N PHE B 49 4.16 -5.68 -13.07
CA PHE B 49 3.28 -6.84 -13.25
C PHE B 49 2.60 -7.13 -11.92
N PHE B 50 1.41 -7.72 -12.01
CA PHE B 50 0.62 -8.04 -10.83
C PHE B 50 -0.20 -9.33 -11.04
N TYR B 51 -0.71 -9.85 -9.93
CA TYR B 51 -1.66 -10.97 -9.93
C TYR B 51 -2.99 -10.52 -9.36
N PHE B 52 -4.06 -10.91 -10.03
CA PHE B 52 -5.42 -10.87 -9.49
C PHE B 52 -5.79 -12.28 -9.03
N THR B 53 -5.99 -12.45 -7.72
CA THR B 53 -6.63 -13.67 -7.20
C THR B 53 -7.98 -13.22 -6.63
N PRO B 54 -9.06 -13.27 -7.48
CA PRO B 54 -10.35 -12.78 -7.02
C PRO B 54 -10.93 -13.70 -5.94
N ASN B 55 -11.68 -13.09 -5.01
CA ASN B 55 -12.50 -13.82 -4.06
C ASN B 55 -13.95 -13.57 -4.47
N LYS B 56 -14.53 -14.54 -5.18
CA LYS B 56 -15.86 -14.39 -5.78
C LYS B 56 -16.92 -14.18 -4.71
N THR B 57 -16.74 -14.90 -3.58
CA THR B 57 -17.70 -14.88 -2.48
C THR B 57 -17.68 -13.55 -1.71
N GLU B 58 -16.53 -12.86 -1.75
CA GLU B 58 -16.36 -11.63 -0.97
C GLU B 58 -16.40 -10.32 -1.78
N ASP B 59 -16.52 -10.42 -3.10
CA ASP B 59 -16.45 -9.25 -4.00
C ASP B 59 -15.17 -8.43 -3.84
N THR B 60 -14.04 -9.13 -3.68
CA THR B 60 -12.72 -8.51 -3.58
C THR B 60 -11.72 -9.21 -4.50
N ILE B 61 -10.70 -8.46 -4.93
CA ILE B 61 -9.61 -9.06 -5.67
C ILE B 61 -8.32 -8.84 -4.88
N PHE B 62 -7.69 -9.94 -4.46
CA PHE B 62 -6.36 -9.87 -3.89
C PHE B 62 -5.36 -9.48 -4.98
N LEU B 63 -4.63 -8.40 -4.71
CA LEU B 63 -3.75 -7.79 -5.68
C LEU B 63 -2.33 -7.83 -5.17
N ARG B 64 -1.45 -8.42 -5.97
CA ARG B 64 -0.03 -8.50 -5.63
C ARG B 64 0.74 -7.79 -6.74
N GLU B 65 1.14 -6.56 -6.49
CA GLU B 65 1.84 -5.82 -7.55
C GLU B 65 3.32 -5.64 -7.31
N TYR B 66 4.04 -5.84 -8.41
CA TYR B 66 5.48 -5.75 -8.50
C TYR B 66 5.80 -4.57 -9.44
N GLN B 67 6.21 -3.45 -8.84
CA GLN B 67 6.51 -2.21 -9.56
C GLN B 67 7.99 -1.84 -9.52
N THR B 68 8.50 -1.31 -10.64
CA THR B 68 9.86 -0.80 -10.71
C THR B 68 9.87 0.72 -10.90
N ARG B 69 10.45 1.43 -9.94
CA ARG B 69 10.67 2.87 -10.05
C ARG B 69 12.10 3.12 -9.63
N GLN B 70 12.75 4.08 -10.29
CA GLN B 70 14.20 4.29 -10.20
C GLN B 70 15.00 3.00 -9.95
N ASN B 71 14.82 2.03 -10.84
CA ASN B 71 15.63 0.80 -10.93
C ASN B 71 15.69 -0.12 -9.69
N GLN B 72 14.62 -0.11 -8.90
CA GLN B 72 14.46 -1.06 -7.80
C GLN B 72 13.03 -1.57 -7.73
N CYS B 73 12.85 -2.72 -7.10
CA CYS B 73 11.53 -3.35 -6.98
C CYS B 73 10.76 -2.85 -5.76
N PHE B 74 9.52 -2.45 -5.98
CA PHE B 74 8.60 -2.11 -4.91
C PHE B 74 7.42 -3.08 -5.02
N TYR B 75 7.27 -3.93 -4.01
CA TYR B 75 6.18 -4.89 -3.91
C TYR B 75 5.13 -4.43 -2.91
N ASN B 76 3.85 -4.50 -3.31
CA ASN B 76 2.73 -4.22 -2.41
C ASN B 76 1.59 -5.18 -2.68
N SER B 77 0.97 -5.67 -1.63
CA SER B 77 -0.27 -6.44 -1.85
C SER B 77 -1.41 -5.78 -1.10
N SER B 78 -2.61 -5.89 -1.65
CA SER B 78 -3.78 -5.26 -1.04
C SER B 78 -5.02 -5.88 -1.65
N TYR B 79 -6.18 -5.44 -1.20
CA TYR B 79 -7.43 -5.89 -1.77
C TYR B 79 -8.13 -4.80 -2.56
N LEU B 80 -8.51 -5.13 -3.79
CA LEU B 80 -9.43 -4.31 -4.55
C LEU B 80 -10.84 -4.75 -4.16
N ASN B 81 -11.73 -3.78 -3.95
CA ASN B 81 -13.14 -4.10 -3.80
C ASN B 81 -13.85 -4.02 -5.14
N VAL B 82 -14.78 -4.94 -5.37
CA VAL B 82 -15.49 -5.04 -6.64
C VAL B 82 -16.91 -4.54 -6.49
N GLN B 83 -17.27 -3.57 -7.33
CA GLN B 83 -18.66 -3.13 -7.45
C GLN B 83 -19.23 -3.73 -8.74
N ARG B 84 -20.01 -4.80 -8.60
CA ARG B 84 -20.45 -5.61 -9.73
C ARG B 84 -21.35 -4.86 -10.73
N GLU B 85 -22.28 -4.06 -10.21
CA GLU B 85 -23.24 -3.36 -11.06
C GLU B 85 -22.64 -2.21 -11.87
N ASN B 86 -21.88 -1.34 -11.20
CA ASN B 86 -21.19 -0.24 -11.87
C ASN B 86 -20.06 -0.72 -12.78
N GLY B 87 -19.58 -1.93 -12.51
CA GLY B 87 -18.45 -2.51 -13.22
C GLY B 87 -17.13 -1.89 -12.79
N THR B 88 -17.13 -1.28 -11.61
CA THR B 88 -15.96 -0.57 -11.09
C THR B 88 -15.19 -1.38 -10.06
N VAL B 89 -13.90 -1.11 -10.00
CA VAL B 89 -13.01 -1.67 -9.00
C VAL B 89 -12.39 -0.52 -8.21
N SER B 90 -12.36 -0.66 -6.88
CA SER B 90 -11.94 0.43 -5.99
C SER B 90 -10.68 0.10 -5.17
N ARG B 91 -9.95 1.15 -4.79
CA ARG B 91 -8.70 1.03 -4.02
C ARG B 91 -8.46 2.30 -3.21
N TYR B 92 -7.69 2.18 -2.13
CA TYR B 92 -7.43 3.30 -1.22
C TYR B 92 -5.96 3.71 -1.19
N GLU B 93 -5.71 5.01 -1.32
CA GLU B 93 -4.37 5.60 -1.21
C GLU B 93 -4.45 7.01 -0.63
N GLY B 94 -3.79 7.21 0.50
CA GLY B 94 -3.76 8.51 1.17
C GLY B 94 -4.97 8.84 2.02
N GLY B 95 -5.89 7.88 2.14
CA GLY B 95 -7.14 8.08 2.88
C GLY B 95 -8.33 8.40 1.98
N ARG B 96 -8.05 8.51 0.69
CA ARG B 96 -9.06 8.75 -0.33
C ARG B 96 -9.21 7.50 -1.19
N GLU B 97 -10.42 7.27 -1.71
CA GLU B 97 -10.68 6.08 -2.51
C GLU B 97 -10.58 6.37 -4.00
N HIS B 98 -9.88 5.48 -4.71
CA HIS B 98 -9.69 5.55 -6.16
C HIS B 98 -10.61 4.55 -6.83
N VAL B 99 -11.36 4.99 -7.84
CA VAL B 99 -12.29 4.12 -8.56
C VAL B 99 -11.84 3.98 -10.02
N ALA B 100 -12.06 2.80 -10.60
CA ALA B 100 -11.74 2.54 -12.01
C ALA B 100 -12.64 1.48 -12.64
N HIS B 101 -13.04 1.70 -13.89
CA HIS B 101 -13.86 0.76 -14.66
C HIS B 101 -13.00 -0.27 -15.37
N LEU B 102 -13.36 -1.54 -15.26
CA LEU B 102 -12.70 -2.58 -16.05
C LEU B 102 -13.28 -2.61 -17.48
N LEU B 103 -12.41 -2.42 -18.45
CA LEU B 103 -12.81 -2.38 -19.85
C LEU B 103 -12.05 -3.44 -20.63
N PHE B 104 -12.72 -4.01 -21.64
CA PHE B 104 -12.10 -5.05 -22.46
C PHE B 104 -11.89 -4.61 -23.90
N LEU B 105 -10.94 -5.26 -24.55
CA LEU B 105 -10.68 -5.07 -25.96
C LEU B 105 -10.99 -6.38 -26.70
N ARG B 106 -10.93 -6.37 -28.03
CA ARG B 106 -11.18 -7.58 -28.81
C ARG B 106 -10.38 -8.75 -28.24
N ASP B 107 -9.04 -8.57 -28.18
CA ASP B 107 -8.13 -9.60 -27.70
C ASP B 107 -8.37 -9.94 -26.23
N THR B 108 -8.58 -11.23 -25.96
CA THR B 108 -8.72 -11.74 -24.58
C THR B 108 -7.43 -11.56 -23.78
N LYS B 109 -6.29 -11.56 -24.48
CA LYS B 109 -4.97 -11.48 -23.84
C LYS B 109 -4.65 -10.08 -23.25
N THR B 110 -5.59 -9.14 -23.41
CA THR B 110 -5.42 -7.78 -22.87
C THR B 110 -6.59 -7.33 -21.99
N LEU B 111 -6.37 -6.27 -21.22
CA LEU B 111 -7.44 -5.54 -20.52
C LEU B 111 -7.08 -4.06 -20.31
N MET B 112 -8.11 -3.25 -20.07
CA MET B 112 -7.91 -1.84 -19.85
C MET B 112 -8.61 -1.42 -18.59
N PHE B 113 -8.04 -0.42 -17.93
CA PHE B 113 -8.71 0.27 -16.86
C PHE B 113 -8.92 1.73 -17.22
N GLY B 114 -10.09 2.24 -16.84
CA GLY B 114 -10.46 3.61 -17.15
C GLY B 114 -10.71 4.38 -15.89
N SER B 115 -10.08 5.54 -15.78
CA SER B 115 -10.22 6.40 -14.60
C SER B 115 -11.08 7.62 -14.93
N TYR B 116 -11.94 8.00 -13.99
CA TYR B 116 -12.86 9.15 -14.13
C TYR B 116 -13.64 9.17 -15.45
N LEU B 117 -14.07 7.99 -15.91
CA LEU B 117 -14.70 7.84 -17.23
C LEU B 117 -15.95 8.70 -17.47
N ASP B 118 -16.58 9.15 -16.39
CA ASP B 118 -17.75 10.02 -16.49
C ASP B 118 -17.33 11.47 -16.76
N ASP B 119 -16.13 11.81 -16.33
CA ASP B 119 -15.61 13.18 -16.42
C ASP B 119 -14.71 13.38 -17.64
N GLU B 120 -14.94 14.48 -18.34
CA GLU B 120 -14.25 14.79 -19.59
C GLU B 120 -12.88 15.44 -19.38
N LYS B 121 -12.72 16.19 -18.28
CA LYS B 121 -11.50 16.93 -18.03
C LYS B 121 -10.43 16.14 -17.27
N ASN B 122 -10.70 14.85 -17.05
CA ASN B 122 -9.83 14.01 -16.23
C ASN B 122 -9.65 12.55 -16.68
N TRP B 123 -10.43 12.10 -17.66
CA TRP B 123 -10.41 10.67 -18.03
C TRP B 123 -9.05 10.17 -18.55
N GLY B 124 -8.80 8.88 -18.35
CA GLY B 124 -7.55 8.26 -18.78
C GLY B 124 -7.60 6.75 -18.83
N LEU B 125 -6.64 6.16 -19.54
CA LEU B 125 -6.63 4.70 -19.79
C LEU B 125 -5.30 4.05 -19.47
N SER B 126 -5.39 2.91 -18.79
CA SER B 126 -4.23 2.04 -18.51
C SER B 126 -4.43 0.69 -19.20
N PHE B 127 -3.38 0.20 -19.85
CA PHE B 127 -3.44 -0.92 -20.77
C PHE B 127 -2.55 -2.06 -20.27
N TYR B 128 -3.11 -3.26 -20.21
CA TYR B 128 -2.46 -4.43 -19.65
C TYR B 128 -2.52 -5.62 -20.61
N ALA B 129 -1.47 -6.43 -20.63
CA ALA B 129 -1.40 -7.63 -21.47
C ALA B 129 -0.91 -8.82 -20.62
N ASP B 130 -1.13 -10.06 -21.12
CA ASP B 130 -0.65 -11.25 -20.44
C ASP B 130 0.84 -11.46 -20.67
N LYS B 131 1.43 -10.72 -21.59
CA LYS B 131 2.87 -10.73 -21.85
C LYS B 131 3.45 -9.33 -21.71
N PRO B 132 4.77 -9.21 -21.47
CA PRO B 132 5.37 -7.88 -21.26
C PRO B 132 5.41 -7.09 -22.57
N GLU B 133 5.01 -7.75 -23.65
CA GLU B 133 5.01 -7.17 -25.00
C GLU B 133 3.70 -7.44 -25.71
N THR B 134 3.25 -6.45 -26.49
CA THR B 134 2.03 -6.58 -27.27
C THR B 134 2.31 -6.65 -28.77
N THR B 135 1.50 -7.44 -29.48
CA THR B 135 1.52 -7.46 -30.94
C THR B 135 0.90 -6.16 -31.45
N LYS B 136 1.33 -5.72 -32.64
CA LYS B 136 0.79 -4.52 -33.29
C LYS B 136 -0.74 -4.51 -33.30
N GLU B 137 -1.34 -5.70 -33.51
CA GLU B 137 -2.77 -5.92 -33.35
C GLU B 137 -3.31 -5.36 -32.01
N GLN B 138 -2.64 -5.71 -30.92
CA GLN B 138 -3.12 -5.34 -29.58
C GLN B 138 -3.05 -3.84 -29.27
N LEU B 139 -1.90 -3.21 -29.56
CA LEU B 139 -1.73 -1.78 -29.29
C LEU B 139 -2.77 -0.91 -30.02
N GLY B 140 -3.22 -1.36 -31.19
CA GLY B 140 -4.17 -0.63 -32.03
C GLY B 140 -5.55 -0.43 -31.42
N GLU B 141 -6.03 -1.46 -30.72
CA GLU B 141 -7.30 -1.38 -29.97
C GLU B 141 -7.23 -0.39 -28.79
N PHE B 142 -6.06 -0.31 -28.17
CA PHE B 142 -5.83 0.64 -27.08
C PHE B 142 -5.78 2.06 -27.66
N TYR B 143 -5.12 2.21 -28.80
CA TYR B 143 -5.09 3.50 -29.51
C TYR B 143 -6.48 3.95 -29.95
N GLU B 144 -7.36 2.99 -30.25
CA GLU B 144 -8.73 3.30 -30.67
C GLU B 144 -9.52 3.93 -29.52
N ALA B 145 -9.43 3.32 -28.35
CA ALA B 145 -10.12 3.80 -27.17
C ALA B 145 -9.59 5.15 -26.68
N LEU B 146 -8.29 5.40 -26.91
CA LEU B 146 -7.68 6.69 -26.62
C LEU B 146 -8.24 7.77 -27.51
N ASP B 147 -8.57 7.38 -28.73
CA ASP B 147 -9.18 8.29 -29.70
C ASP B 147 -10.60 8.66 -29.28
N CYS B 148 -11.33 7.70 -28.71
CA CYS B 148 -12.68 7.97 -28.19
C CYS B 148 -12.71 9.05 -27.11
N LEU B 149 -11.69 9.05 -26.25
CA LEU B 149 -11.57 10.05 -25.20
C LEU B 149 -10.84 11.30 -25.70
N ARG B 150 -10.52 11.32 -27.00
CA ARG B 150 -9.83 12.43 -27.66
C ARG B 150 -8.50 12.75 -26.97
N ILE B 151 -7.76 11.71 -26.63
CA ILE B 151 -6.42 11.85 -26.03
C ILE B 151 -5.38 11.47 -27.09
N PRO B 152 -4.50 12.42 -27.44
CA PRO B 152 -3.46 12.19 -28.45
C PRO B 152 -2.53 11.04 -28.06
N ARG B 153 -1.91 10.42 -29.04
CA ARG B 153 -0.96 9.32 -28.80
C ARG B 153 0.35 9.85 -28.21
N SER B 154 0.62 11.14 -28.46
CA SER B 154 1.80 11.82 -27.94
C SER B 154 1.87 11.90 -26.41
N ASP B 155 0.72 11.79 -25.73
CA ASP B 155 0.67 11.85 -24.26
C ASP B 155 0.75 10.48 -23.58
N VAL B 156 0.88 9.41 -24.38
CA VAL B 156 0.96 8.05 -23.83
C VAL B 156 2.33 7.76 -23.19
N MET B 157 2.30 7.14 -22.01
CA MET B 157 3.49 6.69 -21.31
C MET B 157 3.61 5.16 -21.38
N TYR B 158 4.81 4.68 -21.69
CA TYR B 158 5.03 3.25 -21.88
C TYR B 158 6.02 2.67 -20.88
N THR B 159 5.78 1.44 -20.44
CA THR B 159 6.79 0.69 -19.71
C THR B 159 7.90 0.27 -20.65
N ASP B 160 9.10 0.16 -20.10
CA ASP B 160 10.25 -0.40 -20.79
C ASP B 160 10.64 -1.67 -20.03
N TRP B 161 10.31 -2.83 -20.59
CA TRP B 161 10.50 -4.12 -19.89
C TRP B 161 11.96 -4.40 -19.47
N LYS B 162 12.92 -3.79 -20.16
CA LYS B 162 14.33 -3.91 -19.78
C LYS B 162 14.65 -3.26 -18.42
N LYS B 163 13.88 -2.24 -18.05
CA LYS B 163 14.08 -1.52 -16.78
C LYS B 163 13.65 -2.37 -15.57
N ASP B 164 12.89 -3.43 -15.85
CA ASP B 164 12.36 -4.33 -14.81
C ASP B 164 13.41 -4.79 -13.81
N LYS B 165 13.04 -4.76 -12.53
CA LYS B 165 13.92 -5.20 -11.44
C LYS B 165 13.21 -6.12 -10.45
N CYS B 166 12.04 -6.63 -10.83
CA CYS B 166 11.16 -7.37 -9.91
C CYS B 166 11.17 -8.88 -10.08
N GLU B 167 11.85 -9.36 -11.12
CA GLU B 167 11.96 -10.80 -11.36
C GLU B 167 12.61 -11.56 -10.19
N PRO B 168 13.73 -11.03 -9.64
CA PRO B 168 14.36 -11.76 -8.53
C PRO B 168 13.53 -11.83 -7.24
N LEU B 169 12.68 -10.83 -6.98
CA LEU B 169 11.82 -10.85 -5.79
C LEU B 169 10.63 -11.79 -5.93
N GLU B 170 9.97 -11.75 -7.11
CA GLU B 170 8.86 -12.66 -7.40
C GLU B 170 9.30 -14.12 -7.21
N LYS B 171 10.44 -14.48 -7.80
CA LYS B 171 10.98 -15.84 -7.68
C LYS B 171 11.31 -16.18 -6.21
N GLN B 172 11.61 -15.16 -5.40
CA GLN B 172 11.82 -15.34 -3.95
C GLN B 172 10.51 -15.63 -3.21
N HIS B 173 9.44 -14.94 -3.57
CA HIS B 173 8.13 -15.16 -2.95
C HIS B 173 7.59 -16.55 -3.22
N GLU B 174 7.75 -16.98 -4.47
CA GLU B 174 7.32 -18.32 -4.90
C GLU B 174 8.01 -19.42 -4.13
N LYS B 175 9.26 -19.16 -3.76
CA LYS B 175 10.08 -20.08 -2.97
C LYS B 175 9.60 -20.14 -1.53
N GLU B 176 9.12 -19.00 -1.03
CA GLU B 176 8.60 -18.89 0.34
C GLU B 176 7.25 -19.60 0.50
N ARG B 177 6.36 -19.43 -0.49
CA ARG B 177 5.01 -19.98 -0.41
C ARG B 177 4.93 -21.49 -0.71
N LYS B 178 5.50 -21.91 -1.84
CA LYS B 178 5.52 -23.33 -2.21
C LYS B 178 6.81 -23.99 -1.71
C1 DP0 C . 4.62 3.80 11.01
O1 DP0 C . 4.56 4.07 13.38
C2 DP0 C . 3.27 4.40 10.50
N2 DP0 C . 0.87 4.73 10.90
C3 DP0 C . 2.08 4.06 11.42
N3 DP0 C . 3.75 1.57 10.31
C4 DP0 C . -0.14 3.82 10.31
N4 DP0 C . 5.59 5.69 12.21
C5 DP0 C . 0.27 5.69 11.86
C6 DP0 C . 5.79 4.06 10.06
C7 DP0 C . 4.51 2.28 11.18
C8 DP0 C . 4.92 4.53 12.31
C9 DP0 C . -1.13 4.67 9.54
C10 DP0 C . 0.46 2.83 9.29
C11 DP0 C . 1.16 6.94 11.89
C12 DP0 C . 0.05 5.10 13.27
C13 DP0 C . 5.74 5.08 9.10
C14 DP0 C . 6.96 3.30 10.12
C15 DP0 C . 5.18 1.60 12.20
C16 DP0 C . 6.81 5.32 8.22
C17 DP0 C . 8.04 3.53 9.25
C18 DP0 C . 5.07 0.21 12.30
C19 DP0 C . 7.95 4.54 8.30
C20 DP0 C . 3.62 0.24 10.40
C21 DP0 C . 4.29 -0.48 11.39
C1 DP0 D . -5.01 0.76 -11.44
O1 DP0 D . -4.89 0.75 -13.84
C2 DP0 D . -3.84 1.64 -11.00
N2 DP0 D . -1.53 2.21 -11.40
C3 DP0 D . -2.74 1.68 -12.05
N3 DP0 D . -3.68 -1.07 -10.41
C4 DP0 D . -0.58 1.08 -11.18
N4 DP0 D . -6.30 2.20 -12.93
C5 DP0 D . -1.05 3.44 -12.08
C6 DP0 D . -6.15 0.98 -10.46
C7 DP0 D . -4.58 -0.69 -11.35
C8 DP0 D . -5.40 1.22 -12.84
C9 DP0 D . 0.63 1.02 -12.11
C10 DP0 D . -0.22 1.07 -9.69
C11 DP0 D . -1.98 4.61 -11.70
C12 DP0 D . -0.94 3.27 -13.59
C13 DP0 D . -6.12 2.06 -9.57
C14 DP0 D . -7.25 0.12 -10.44
C15 DP0 D . -5.11 -1.68 -12.19
C16 DP0 D . -7.17 2.28 -8.67
C17 DP0 D . -8.30 0.34 -9.53
C18 DP0 D . -4.69 -3.00 -12.07
C19 DP0 D . -8.26 1.42 -8.66
C20 DP0 D . -3.25 -2.34 -10.27
C21 DP0 D . -3.76 -3.33 -11.10
#